data_3EF4
#
_entry.id   3EF4
#
_cell.length_a   97.690
_cell.length_b   50.623
_cell.length_c   82.378
_cell.angle_alpha   90.00
_cell.angle_beta   90.98
_cell.angle_gamma   90.00
#
_symmetry.space_group_name_H-M   'C 1 2 1'
#
loop_
_entity.id
_entity.type
_entity.pdbx_description
1 polymer 'Blue copper protein'
2 non-polymer 'COPPER (II) ION'
3 non-polymer 'PHOSPHATE ION'
4 water water
#
_entity_poly.entity_id   1
_entity_poly.type   'polypeptide(L)'
_entity_poly.pdbx_seq_one_letter_code
;AEHIVEMRNKDDAGNTMVFQPGFVKVEAGDTVKFVPTDKSHNAESVREVWPEGVAPVKGGFSKEVVFNAEKEGLYVLKCA
PHYGMGMVVLVQVGKPVNLDQIKEYKATGLAKKRLDGEIAKVVQ
;
_entity_poly.pdbx_strand_id   A,B,C
#
# COMPACT_ATOMS: atom_id res chain seq x y z
N ALA A 1 -15.18 14.62 9.68
CA ALA A 1 -14.91 14.34 8.25
C ALA A 1 -13.67 13.43 8.11
N GLU A 2 -13.71 12.42 7.27
CA GLU A 2 -12.56 11.54 7.08
C GLU A 2 -11.66 12.01 5.93
N HIS A 3 -10.37 11.85 6.12
CA HIS A 3 -9.38 12.21 5.12
C HIS A 3 -8.57 10.95 4.87
N ILE A 4 -8.18 10.74 3.63
CA ILE A 4 -7.42 9.55 3.23
C ILE A 4 -6.03 9.93 2.80
N VAL A 5 -5.04 9.17 3.28
CA VAL A 5 -3.68 9.31 2.81
C VAL A 5 -3.24 7.96 2.30
N GLU A 6 -2.89 7.90 1.02
CA GLU A 6 -2.43 6.68 0.42
C GLU A 6 -0.93 6.45 0.62
N MET A 7 -0.56 5.19 0.90
CA MET A 7 0.83 4.76 0.93
C MET A 7 1.22 4.25 -0.46
N ARG A 8 2.15 4.93 -1.12
CA ARG A 8 2.42 4.65 -2.55
C ARG A 8 3.91 4.47 -2.83
N ASN A 9 4.21 3.50 -3.71
CA ASN A 9 5.53 3.31 -4.21
C ASN A 9 5.96 4.49 -5.08
N LYS A 10 5.04 5.08 -5.82
CA LYS A 10 5.32 6.20 -6.70
C LYS A 10 4.09 7.10 -6.87
N ASP A 11 4.19 8.42 -7.00
CA ASP A 11 3.02 9.18 -7.44
C ASP A 11 3.09 9.44 -8.94
N ASP A 12 2.10 10.16 -9.47
CA ASP A 12 2.10 10.27 -10.94
C ASP A 12 3.20 11.19 -11.40
N ALA A 13 3.61 12.14 -10.59
CA ALA A 13 4.74 13.00 -10.84
C ALA A 13 6.07 12.27 -10.77
N GLY A 14 6.08 11.00 -10.42
CA GLY A 14 7.35 10.30 -10.47
C GLY A 14 8.00 10.18 -9.12
N ASN A 15 7.43 10.82 -8.08
CA ASN A 15 8.12 10.76 -6.79
C ASN A 15 7.94 9.38 -6.16
N THR A 16 9.02 8.78 -5.69
CA THR A 16 8.92 7.47 -5.03
C THR A 16 8.86 7.54 -3.48
N MET A 17 8.20 6.53 -2.94
CA MET A 17 7.96 6.27 -1.52
C MET A 17 7.30 7.51 -0.90
N VAL A 18 6.05 7.63 -1.24
CA VAL A 18 5.29 8.80 -0.85
C VAL A 18 3.99 8.49 -0.16
N PHE A 19 3.65 9.38 0.77
CA PHE A 19 2.29 9.50 1.23
C PHE A 19 1.57 10.50 0.33
N GLN A 20 0.40 10.16 -0.13
CA GLN A 20 -0.36 11.02 -1.02
C GLN A 20 -1.73 11.31 -0.41
N PRO A 21 -2.00 12.56 -0.04
CA PRO A 21 -1.11 13.73 -0.08
C PRO A 21 -0.08 13.67 1.03
N GLY A 22 0.99 14.45 0.89
CA GLY A 22 2.01 14.58 1.87
C GLY A 22 1.71 15.58 2.98
N PHE A 23 0.72 16.43 2.74
CA PHE A 23 0.24 17.41 3.71
C PHE A 23 -1.28 17.32 3.70
N VAL A 24 -1.87 17.27 4.88
CA VAL A 24 -3.35 17.36 4.90
C VAL A 24 -3.77 18.17 6.11
N LYS A 25 -4.67 19.09 5.85
CA LYS A 25 -5.30 19.95 6.84
C LYS A 25 -6.65 19.39 7.20
N VAL A 26 -6.86 19.19 8.49
CA VAL A 26 -8.05 18.62 9.05
C VAL A 26 -8.52 19.43 10.25
N GLU A 27 -9.68 19.04 10.74
CA GLU A 27 -10.17 19.72 11.97
C GLU A 27 -10.31 18.67 13.06
N ALA A 28 -10.31 19.18 14.29
CA ALA A 28 -10.52 18.25 15.39
C ALA A 28 -11.79 17.42 15.22
N GLY A 29 -11.73 16.15 15.55
CA GLY A 29 -12.81 15.22 15.39
C GLY A 29 -12.77 14.48 14.07
N ASP A 30 -11.88 14.93 13.14
CA ASP A 30 -11.70 14.22 11.89
C ASP A 30 -10.84 12.99 12.09
N THR A 31 -10.97 12.07 11.17
CA THR A 31 -10.06 10.96 11.14
C THR A 31 -9.19 11.07 9.89
N VAL A 32 -7.95 10.61 10.02
CA VAL A 32 -7.09 10.49 8.88
C VAL A 32 -6.74 9.01 8.76
N LYS A 33 -7.15 8.38 7.67
CA LYS A 33 -6.87 6.96 7.44
C LYS A 33 -5.75 6.82 6.44
N PHE A 34 -4.71 6.13 6.85
CA PHE A 34 -3.56 5.80 6.02
C PHE A 34 -3.81 4.40 5.46
N VAL A 35 -3.91 4.35 4.12
CA VAL A 35 -4.35 3.13 3.48
C VAL A 35 -3.22 2.51 2.64
N PRO A 36 -3.09 1.20 2.66
CA PRO A 36 -1.99 0.52 1.97
C PRO A 36 -2.28 0.32 0.47
N THR A 37 -2.37 1.44 -0.23
CA THR A 37 -2.65 1.37 -1.69
C THR A 37 -1.66 0.47 -2.39
N ASP A 38 -0.40 0.66 -2.07
CA ASP A 38 0.67 -0.29 -2.37
C ASP A 38 1.04 -1.00 -1.07
N LYS A 39 1.46 -2.25 -1.16
CA LYS A 39 1.94 -2.97 0.00
C LYS A 39 3.37 -2.56 0.37
N SER A 40 3.74 -2.95 1.54
CA SER A 40 5.10 -2.84 2.11
C SER A 40 5.39 -1.47 2.65
N HIS A 41 4.38 -0.77 3.14
CA HIS A 41 4.51 0.50 3.82
C HIS A 41 3.83 0.46 5.16
N ASN A 42 4.09 1.43 6.01
CA ASN A 42 3.27 1.68 7.17
C ASN A 42 3.18 3.18 7.41
N ALA A 43 2.43 3.52 8.45
CA ALA A 43 2.39 4.91 8.93
C ALA A 43 2.48 4.86 10.44
N GLU A 44 3.40 5.63 11.00
CA GLU A 44 3.60 5.72 12.44
C GLU A 44 4.11 7.10 12.80
N SER A 45 3.83 7.52 14.02
CA SER A 45 4.31 8.78 14.52
C SER A 45 5.82 8.89 14.48
N VAL A 46 6.32 10.06 14.14
CA VAL A 46 7.72 10.40 14.40
C VAL A 46 7.74 10.87 15.84
N ARG A 47 8.10 9.96 16.74
CA ARG A 47 7.88 10.26 18.15
C ARG A 47 8.73 11.39 18.67
N GLU A 48 9.83 11.65 17.99
CA GLU A 48 10.71 12.72 18.45
C GLU A 48 10.12 14.08 18.23
N VAL A 49 9.08 14.16 17.38
CA VAL A 49 8.42 15.45 17.12
C VAL A 49 6.91 15.41 17.37
N TRP A 50 6.36 14.25 17.71
CA TRP A 50 4.92 14.12 17.96
C TRP A 50 4.48 14.95 19.15
N PRO A 51 3.32 15.58 19.09
CA PRO A 51 2.90 16.46 20.17
C PRO A 51 2.84 15.73 21.51
N GLU A 52 3.24 16.56 22.48
CA GLU A 52 3.36 16.11 23.83
C GLU A 52 2.04 15.58 24.30
N GLY A 53 2.15 14.35 24.85
CA GLY A 53 1.00 13.86 25.55
C GLY A 53 -0.07 13.26 24.68
N VAL A 54 0.01 13.39 23.36
CA VAL A 54 -1.01 12.85 22.46
C VAL A 54 -0.66 11.43 22.11
N ALA A 55 -1.61 10.52 22.21
CA ALA A 55 -1.39 9.10 21.90
C ALA A 55 -0.71 8.94 20.55
N PRO A 56 0.35 8.14 20.49
CA PRO A 56 0.98 7.94 19.18
C PRO A 56 0.20 6.97 18.30
N VAL A 57 0.59 6.95 17.04
CA VAL A 57 0.05 6.10 16.00
C VAL A 57 1.14 5.12 15.61
N LYS A 58 0.82 3.83 15.51
CA LYS A 58 1.81 2.89 14.98
C LYS A 58 1.07 1.85 14.17
N GLY A 59 1.03 2.04 12.86
CA GLY A 59 0.34 1.06 12.05
C GLY A 59 1.18 -0.15 11.75
N GLY A 60 0.48 -1.24 11.54
CA GLY A 60 1.15 -2.45 11.15
C GLY A 60 1.65 -2.40 9.69
N PHE A 61 2.63 -3.28 9.45
CA PHE A 61 3.25 -3.26 8.12
C PHE A 61 2.25 -3.72 7.09
N SER A 62 2.06 -2.96 6.06
CA SER A 62 1.11 -3.23 4.99
C SER A 62 -0.33 -3.16 5.45
N LYS A 63 -0.62 -2.51 6.56
CA LYS A 63 -1.98 -2.38 7.11
C LYS A 63 -2.44 -0.93 7.11
N GLU A 64 -3.76 -0.76 7.02
CA GLU A 64 -4.43 0.49 7.30
C GLU A 64 -4.21 0.85 8.75
N VAL A 65 -4.11 2.14 9.03
CA VAL A 65 -4.12 2.67 10.39
C VAL A 65 -4.75 4.05 10.35
N VAL A 66 -5.37 4.43 11.45
CA VAL A 66 -6.01 5.72 11.61
C VAL A 66 -5.30 6.58 12.62
N PHE A 67 -5.32 7.87 12.33
CA PHE A 67 -4.99 8.94 13.25
C PHE A 67 -6.31 9.66 13.58
N ASN A 68 -6.65 9.68 14.83
CA ASN A 68 -7.86 10.37 15.27
C ASN A 68 -7.47 11.79 15.65
N ALA A 69 -7.71 12.74 14.78
CA ALA A 69 -7.31 14.12 14.99
C ALA A 69 -8.14 14.72 16.11
N GLU A 70 -7.51 15.21 17.17
CA GLU A 70 -8.23 15.73 18.32
C GLU A 70 -7.66 17.04 18.83
N LYS A 71 -6.43 17.05 19.26
CA LYS A 71 -5.75 18.22 19.78
C LYS A 71 -5.12 19.01 18.64
N GLU A 72 -5.29 20.32 18.64
CA GLU A 72 -4.75 21.16 17.56
C GLU A 72 -3.25 21.06 17.53
N GLY A 73 -2.70 21.18 16.33
CA GLY A 73 -1.26 21.22 16.10
C GLY A 73 -0.86 20.39 14.88
N LEU A 74 0.43 20.19 14.73
CA LEU A 74 1.05 19.54 13.62
C LEU A 74 1.61 18.19 14.01
N TYR A 75 1.32 17.20 13.20
CA TYR A 75 1.62 15.79 13.46
C TYR A 75 2.40 15.20 12.29
N VAL A 76 3.60 14.76 12.59
CA VAL A 76 4.46 14.14 11.59
C VAL A 76 4.40 12.64 11.73
N LEU A 77 4.14 11.96 10.61
CA LEU A 77 4.21 10.51 10.55
C LEU A 77 5.22 10.11 9.50
N LYS A 78 5.78 8.91 9.69
CA LYS A 78 6.67 8.31 8.76
C LYS A 78 6.22 6.91 8.39
N CYS A 79 6.80 6.44 7.29
CA CYS A 79 6.81 5.02 6.94
C CYS A 79 8.16 4.47 7.40
N ALA A 80 8.13 3.47 8.30
CA ALA A 80 9.37 3.03 8.91
C ALA A 80 10.42 2.60 7.88
N PRO A 81 10.19 1.71 6.95
CA PRO A 81 11.25 1.36 6.04
C PRO A 81 11.64 2.43 5.04
N HIS A 82 10.75 3.40 4.81
CA HIS A 82 11.05 4.38 3.78
C HIS A 82 11.27 5.81 4.25
N TYR A 83 11.38 6.02 5.56
CA TYR A 83 11.57 7.39 6.04
C TYR A 83 12.78 8.04 5.45
N GLY A 84 13.88 7.30 5.39
CA GLY A 84 15.09 7.79 4.79
C GLY A 84 15.02 8.08 3.33
N MET A 85 14.05 7.52 2.64
CA MET A 85 13.76 7.75 1.24
C MET A 85 12.75 8.85 1.08
N GLY A 86 12.39 9.51 2.18
CA GLY A 86 11.49 10.64 2.03
C GLY A 86 10.04 10.37 2.37
N MET A 87 9.69 9.18 2.88
CA MET A 87 8.27 8.87 3.06
C MET A 87 7.80 9.37 4.44
N VAL A 88 7.34 10.63 4.40
CA VAL A 88 6.95 11.43 5.53
C VAL A 88 5.68 12.19 5.20
N VAL A 89 4.82 12.44 6.14
CA VAL A 89 3.55 13.14 5.97
C VAL A 89 3.34 14.05 7.16
N LEU A 90 2.66 15.17 6.90
CA LEU A 90 2.38 16.18 7.89
C LEU A 90 0.86 16.40 7.93
N VAL A 91 0.27 16.21 9.11
CA VAL A 91 -1.17 16.44 9.30
C VAL A 91 -1.30 17.67 10.18
N GLN A 92 -2.04 18.65 9.74
CA GLN A 92 -2.37 19.83 10.55
C GLN A 92 -3.78 19.72 11.06
N VAL A 93 -3.91 19.75 12.37
CA VAL A 93 -5.20 19.76 13.03
C VAL A 93 -5.48 21.16 13.52
N GLY A 94 -6.39 21.87 12.88
CA GLY A 94 -6.65 23.22 13.38
C GLY A 94 -5.45 24.12 13.32
N LYS A 95 -5.25 24.94 14.37
CA LYS A 95 -4.16 25.90 14.46
C LYS A 95 -2.80 25.23 14.58
N PRO A 96 -1.79 25.65 13.82
CA PRO A 96 -0.46 25.01 13.86
C PRO A 96 0.38 25.47 15.04
N VAL A 97 -0.05 25.13 16.23
CA VAL A 97 0.45 25.77 17.43
C VAL A 97 1.91 25.43 17.70
N ASN A 98 2.34 24.25 17.19
CA ASN A 98 3.71 23.79 17.42
C ASN A 98 4.59 23.90 16.16
N LEU A 99 4.25 24.86 15.27
CA LEU A 99 5.06 25.08 14.07
C LEU A 99 6.55 25.31 14.38
N ASP A 100 6.87 26.07 15.40
CA ASP A 100 8.29 26.36 15.67
C ASP A 100 9.01 25.04 15.93
N GLN A 101 8.38 24.17 16.72
CA GLN A 101 9.00 22.88 17.04
C GLN A 101 9.12 21.98 15.81
N ILE A 102 8.14 21.94 14.90
CA ILE A 102 8.28 21.14 13.67
C ILE A 102 9.43 21.68 12.82
N LYS A 103 9.60 23.01 12.74
CA LYS A 103 10.70 23.58 11.96
C LYS A 103 12.04 23.30 12.63
N GLU A 104 12.11 23.15 13.95
CA GLU A 104 13.35 22.89 14.71
C GLU A 104 13.78 21.44 14.55
N TYR A 105 12.87 20.55 14.16
CA TYR A 105 13.20 19.12 14.06
C TYR A 105 14.18 18.89 12.94
N LYS A 106 15.24 18.16 13.26
CA LYS A 106 16.33 17.91 12.34
C LYS A 106 16.04 16.64 11.61
N ALA A 107 15.57 16.81 10.41
CA ALA A 107 15.44 15.71 9.47
C ALA A 107 16.67 15.83 8.54
N THR A 108 16.97 14.75 7.83
CA THR A 108 18.06 14.93 6.87
C THR A 108 17.64 14.37 5.53
N GLY A 109 18.52 14.68 4.54
CA GLY A 109 18.29 14.09 3.21
C GLY A 109 16.90 14.28 2.61
N LEU A 110 16.38 13.13 2.05
CA LEU A 110 15.08 13.14 1.43
C LEU A 110 13.95 13.38 2.43
N ALA A 111 13.97 12.94 3.66
CA ALA A 111 12.91 13.28 4.60
C ALA A 111 12.89 14.79 4.87
N LYS A 112 14.13 15.35 4.96
CA LYS A 112 14.23 16.79 5.16
C LYS A 112 13.59 17.51 4.00
N LYS A 113 13.91 17.13 2.79
CA LYS A 113 13.35 17.77 1.61
C LYS A 113 11.85 17.66 1.62
N ARG A 114 11.34 16.47 1.84
CA ARG A 114 9.90 16.29 1.74
C ARG A 114 9.17 16.95 2.90
N LEU A 115 9.68 16.82 4.11
CA LEU A 115 9.03 17.47 5.24
C LEU A 115 9.09 18.98 5.07
N ASP A 116 10.18 19.56 4.58
CA ASP A 116 10.23 20.97 4.39
C ASP A 116 9.15 21.43 3.41
N GLY A 117 8.95 20.66 2.34
CA GLY A 117 7.88 20.96 1.40
C GLY A 117 6.50 20.94 2.04
N GLU A 118 6.32 19.99 2.93
CA GLU A 118 5.04 19.89 3.64
C GLU A 118 4.82 21.03 4.64
N ILE A 119 5.86 21.35 5.37
CA ILE A 119 5.79 22.48 6.32
C ILE A 119 5.42 23.76 5.60
N ALA A 120 5.88 23.97 4.40
CA ALA A 120 5.58 25.17 3.65
C ALA A 120 4.10 25.28 3.26
N LYS A 121 3.33 24.21 3.39
CA LYS A 121 1.93 24.18 3.10
C LYS A 121 1.08 24.47 4.33
N VAL A 122 1.70 24.59 5.48
CA VAL A 122 0.95 24.88 6.73
C VAL A 122 0.06 26.09 6.57
N VAL A 123 -1.19 25.98 7.07
CA VAL A 123 -2.12 27.10 6.92
C VAL A 123 -2.08 27.94 8.16
N GLN A 124 -1.66 29.14 8.10
CA GLN A 124 -1.54 30.03 9.25
C GLN A 124 -2.59 31.14 9.23
N ALA B 1 -22.12 9.73 -22.62
CA ALA B 1 -23.30 8.89 -22.42
C ALA B 1 -23.61 8.87 -20.93
N GLU B 2 -24.88 8.74 -20.61
CA GLU B 2 -25.36 8.63 -19.26
C GLU B 2 -25.66 7.17 -18.96
N HIS B 3 -25.30 6.75 -17.78
CA HIS B 3 -25.62 5.43 -17.29
C HIS B 3 -26.42 5.57 -15.99
N ILE B 4 -27.41 4.77 -15.78
CA ILE B 4 -28.25 4.85 -14.60
C ILE B 4 -28.00 3.66 -13.70
N VAL B 5 -27.87 3.91 -12.42
CA VAL B 5 -27.76 2.85 -11.41
C VAL B 5 -28.87 3.06 -10.39
N GLU B 6 -29.75 2.07 -10.24
CA GLU B 6 -30.84 2.23 -9.29
C GLU B 6 -30.42 1.73 -7.91
N MET B 7 -30.91 2.41 -6.89
CA MET B 7 -30.77 2.03 -5.51
C MET B 7 -32.04 1.26 -5.11
N ARG B 8 -31.91 -0.03 -4.81
CA ARG B 8 -33.06 -0.92 -4.63
C ARG B 8 -33.04 -1.71 -3.36
N ASN B 9 -34.21 -1.87 -2.76
CA ASN B 9 -34.35 -2.78 -1.64
C ASN B 9 -34.17 -4.24 -2.02
N LYS B 10 -34.58 -4.63 -3.23
CA LYS B 10 -34.38 -6.02 -3.63
C LYS B 10 -34.36 -6.10 -5.15
N ASP B 11 -33.67 -7.09 -5.71
CA ASP B 11 -33.76 -7.29 -7.18
C ASP B 11 -34.61 -8.51 -7.49
N ASP B 12 -34.73 -8.80 -8.80
CA ASP B 12 -35.47 -9.95 -9.28
C ASP B 12 -34.98 -11.21 -8.60
N ALA B 13 -33.66 -11.42 -8.59
CA ALA B 13 -33.26 -12.70 -7.98
C ALA B 13 -33.50 -12.79 -6.49
N GLY B 14 -34.03 -11.75 -5.83
CA GLY B 14 -34.17 -11.91 -4.40
C GLY B 14 -32.97 -11.35 -3.66
N ASN B 15 -31.96 -10.78 -4.30
CA ASN B 15 -30.86 -10.13 -3.60
C ASN B 15 -31.31 -8.88 -2.89
N THR B 16 -30.98 -8.65 -1.62
CA THR B 16 -31.44 -7.38 -1.00
C THR B 16 -30.33 -6.37 -0.88
N MET B 17 -30.73 -5.10 -0.90
CA MET B 17 -29.85 -3.94 -0.71
C MET B 17 -28.83 -3.92 -1.83
N VAL B 18 -29.32 -3.59 -3.04
CA VAL B 18 -28.52 -3.66 -4.22
C VAL B 18 -28.48 -2.36 -5.02
N PHE B 19 -27.34 -2.15 -5.62
CA PHE B 19 -27.26 -1.25 -6.76
C PHE B 19 -27.51 -2.06 -8.02
N GLN B 20 -28.36 -1.54 -8.88
CA GLN B 20 -28.68 -2.25 -10.13
C GLN B 20 -28.36 -1.37 -11.32
N PRO B 21 -27.39 -1.71 -12.15
CA PRO B 21 -26.47 -2.85 -12.04
C PRO B 21 -25.43 -2.61 -10.94
N GLY B 22 -24.78 -3.69 -10.56
CA GLY B 22 -23.71 -3.64 -9.61
C GLY B 22 -22.35 -3.36 -10.21
N PHE B 23 -22.23 -3.49 -11.50
CA PHE B 23 -21.02 -3.22 -12.27
C PHE B 23 -21.43 -2.43 -13.49
N VAL B 24 -20.74 -1.33 -13.76
CA VAL B 24 -21.00 -0.43 -14.89
C VAL B 24 -19.70 -0.10 -15.60
N LYS B 25 -19.55 -0.42 -16.86
CA LYS B 25 -18.42 0.02 -17.66
C LYS B 25 -18.80 1.27 -18.44
N VAL B 26 -17.98 2.29 -18.31
CA VAL B 26 -18.24 3.56 -18.93
C VAL B 26 -16.95 4.09 -19.53
N GLU B 27 -17.03 5.23 -20.19
CA GLU B 27 -15.82 5.89 -20.71
C GLU B 27 -15.73 7.29 -20.13
N ALA B 28 -14.49 7.81 -20.21
CA ALA B 28 -14.26 9.17 -19.77
C ALA B 28 -15.22 10.13 -20.49
N GLY B 29 -15.84 11.02 -19.72
CA GLY B 29 -16.82 11.94 -20.27
C GLY B 29 -18.25 11.48 -20.11
N ASP B 30 -18.43 10.26 -19.57
CA ASP B 30 -19.77 9.74 -19.30
C ASP B 30 -20.15 10.18 -17.89
N THR B 31 -21.44 10.02 -17.60
CA THR B 31 -21.95 10.17 -16.25
C THR B 31 -22.58 8.88 -15.80
N VAL B 32 -22.54 8.71 -14.48
CA VAL B 32 -23.29 7.62 -13.86
C VAL B 32 -24.19 8.27 -12.82
N LYS B 33 -25.51 8.16 -13.03
CA LYS B 33 -26.46 8.76 -12.13
C LYS B 33 -27.06 7.65 -11.25
N PHE B 34 -26.90 7.78 -9.96
CA PHE B 34 -27.47 6.87 -8.97
C PHE B 34 -28.80 7.43 -8.55
N VAL B 35 -29.88 6.66 -8.74
CA VAL B 35 -31.23 7.19 -8.53
C VAL B 35 -31.94 6.44 -7.42
N PRO B 36 -32.72 7.18 -6.63
CA PRO B 36 -33.41 6.60 -5.43
C PRO B 36 -34.69 5.91 -5.79
N THR B 37 -34.55 4.81 -6.53
CA THR B 37 -35.72 4.04 -6.97
C THR B 37 -36.55 3.65 -5.77
N ASP B 38 -35.88 3.17 -4.74
CA ASP B 38 -36.45 3.01 -3.42
C ASP B 38 -35.81 4.04 -2.49
N LYS B 39 -36.52 4.50 -1.48
CA LYS B 39 -36.04 5.46 -0.53
C LYS B 39 -35.08 4.84 0.48
N SER B 40 -34.32 5.67 1.17
CA SER B 40 -33.49 5.39 2.33
C SER B 40 -32.15 4.75 1.94
N HIS B 41 -31.71 5.01 0.74
CA HIS B 41 -30.37 4.61 0.32
C HIS B 41 -29.57 5.86 -0.02
N ASN B 42 -28.25 5.66 -0.21
CA ASN B 42 -27.45 6.70 -0.86
C ASN B 42 -26.35 6.00 -1.67
N ALA B 43 -25.59 6.83 -2.38
CA ALA B 43 -24.37 6.38 -3.05
C ALA B 43 -23.24 7.33 -2.68
N GLU B 44 -22.12 6.77 -2.23
CA GLU B 44 -20.96 7.53 -1.85
C GLU B 44 -19.70 6.68 -2.06
N SER B 45 -18.61 7.36 -2.26
CA SER B 45 -17.33 6.70 -2.48
C SER B 45 -16.96 5.85 -1.31
N VAL B 46 -16.34 4.71 -1.63
CA VAL B 46 -15.62 3.97 -0.60
C VAL B 46 -14.22 4.60 -0.58
N ARG B 47 -14.04 5.51 0.40
CA ARG B 47 -12.87 6.37 0.34
C ARG B 47 -11.56 5.61 0.48
N GLU B 48 -11.59 4.48 1.18
CA GLU B 48 -10.32 3.78 1.34
C GLU B 48 -9.76 3.27 0.04
N VAL B 49 -10.56 3.08 -1.00
CA VAL B 49 -10.07 2.61 -2.28
C VAL B 49 -10.33 3.55 -3.45
N TRP B 50 -10.88 4.69 -3.17
CA TRP B 50 -11.20 5.66 -4.19
C TRP B 50 -9.90 6.26 -4.72
N PRO B 51 -9.83 6.37 -6.07
N PRO B 51 -9.63 6.51 -5.97
CA PRO B 51 -8.62 6.82 -6.77
CA PRO B 51 -8.35 7.21 -6.21
C PRO B 51 -8.08 8.21 -6.38
C PRO B 51 -8.33 8.56 -5.49
N GLU B 52 -6.73 8.21 -6.18
N GLU B 52 -7.39 8.70 -4.51
CA GLU B 52 -5.88 9.34 -5.94
CA GLU B 52 -7.48 9.83 -3.60
C GLU B 52 -6.45 10.72 -6.21
C GLU B 52 -7.41 11.11 -4.43
N GLY B 53 -6.94 11.55 -5.16
N GLY B 53 -6.79 11.13 -5.58
CA GLY B 53 -7.27 12.91 -5.58
CA GLY B 53 -6.65 12.35 -6.36
C GLY B 53 -8.45 13.13 -6.50
C GLY B 53 -7.91 12.72 -7.15
N VAL B 54 -9.06 12.07 -7.05
CA VAL B 54 -10.27 12.26 -7.82
C VAL B 54 -11.34 12.66 -6.80
N ALA B 55 -12.09 13.71 -7.14
CA ALA B 55 -13.07 14.18 -6.19
C ALA B 55 -14.01 13.06 -5.80
N PRO B 56 -14.30 12.94 -4.52
CA PRO B 56 -15.23 11.91 -4.08
C PRO B 56 -16.68 12.26 -4.37
N VAL B 57 -17.54 11.29 -4.27
CA VAL B 57 -19.01 11.42 -4.48
C VAL B 57 -19.64 11.16 -3.11
N LYS B 58 -20.62 11.99 -2.72
CA LYS B 58 -21.37 11.70 -1.52
C LYS B 58 -22.78 12.20 -1.68
N GLY B 59 -23.65 11.25 -2.02
CA GLY B 59 -25.02 11.62 -2.24
C GLY B 59 -25.80 11.70 -0.98
N GLY B 60 -26.85 12.50 -1.01
CA GLY B 60 -27.75 12.60 0.12
C GLY B 60 -28.63 11.36 0.24
N PHE B 61 -29.18 11.15 1.43
CA PHE B 61 -30.07 10.03 1.66
C PHE B 61 -31.37 10.25 0.92
N SER B 62 -31.76 9.22 0.18
CA SER B 62 -32.94 9.24 -0.67
C SER B 62 -32.83 10.25 -1.79
N LYS B 63 -31.62 10.67 -2.14
CA LYS B 63 -31.46 11.62 -3.22
C LYS B 63 -30.64 10.99 -4.37
N GLU B 64 -30.88 11.51 -5.56
CA GLU B 64 -30.04 11.23 -6.72
C GLU B 64 -28.66 11.85 -6.51
N VAL B 65 -27.64 11.20 -7.07
CA VAL B 65 -26.31 11.79 -7.09
C VAL B 65 -25.61 11.31 -8.36
N VAL B 66 -24.73 12.14 -8.91
CA VAL B 66 -24.01 11.81 -10.15
C VAL B 66 -22.53 11.63 -9.88
N PHE B 67 -21.96 10.63 -10.53
CA PHE B 67 -20.52 10.48 -10.67
C PHE B 67 -20.14 10.88 -12.09
N ASN B 68 -19.24 11.85 -12.16
CA ASN B 68 -18.72 12.33 -13.42
C ASN B 68 -17.49 11.50 -13.77
N ALA B 69 -17.61 10.58 -14.71
CA ALA B 69 -16.49 9.74 -15.12
C ALA B 69 -15.48 10.55 -15.91
N GLU B 70 -14.27 10.65 -15.37
CA GLU B 70 -13.29 11.54 -16.03
C GLU B 70 -11.96 10.84 -16.17
N LYS B 71 -11.39 10.37 -15.10
CA LYS B 71 -10.09 9.75 -15.06
C LYS B 71 -10.28 8.23 -15.15
N GLU B 72 -9.50 7.55 -15.98
CA GLU B 72 -9.67 6.12 -16.08
C GLU B 72 -9.38 5.40 -14.77
N GLY B 73 -10.07 4.31 -14.57
CA GLY B 73 -9.83 3.45 -13.42
C GLY B 73 -11.15 2.88 -12.86
N LEU B 74 -11.01 2.26 -11.72
CA LEU B 74 -12.09 1.59 -11.01
C LEU B 74 -12.51 2.36 -9.78
N TYR B 75 -13.83 2.58 -9.67
CA TYR B 75 -14.43 3.42 -8.66
C TYR B 75 -15.48 2.62 -7.88
N VAL B 76 -15.23 2.43 -6.59
CA VAL B 76 -16.14 1.69 -5.71
C VAL B 76 -16.99 2.68 -4.95
N LEU B 77 -18.32 2.47 -5.01
CA LEU B 77 -19.25 3.24 -4.21
C LEU B 77 -20.06 2.30 -3.35
N LYS B 78 -20.54 2.82 -2.23
CA LYS B 78 -21.38 2.11 -1.29
C LYS B 78 -22.64 2.92 -0.99
N CYS B 79 -23.62 2.26 -0.43
CA CYS B 79 -24.69 2.87 0.29
C CYS B 79 -24.30 2.81 1.78
N ALA B 80 -24.27 3.98 2.43
CA ALA B 80 -23.76 4.02 3.80
C ALA B 80 -24.52 3.09 4.75
N PRO B 81 -25.84 3.17 4.86
CA PRO B 81 -26.51 2.29 5.82
C PRO B 81 -26.50 0.82 5.48
N HIS B 82 -26.30 0.50 4.18
CA HIS B 82 -26.44 -0.89 3.73
C HIS B 82 -25.14 -1.53 3.22
N TYR B 83 -24.00 -0.88 3.46
CA TYR B 83 -22.76 -1.43 2.90
C TYR B 83 -22.49 -2.83 3.39
N GLY B 84 -22.58 -3.04 4.69
CA GLY B 84 -22.37 -4.34 5.29
C GLY B 84 -23.41 -5.37 4.90
N MET B 85 -24.54 -4.98 4.34
CA MET B 85 -25.55 -5.84 3.80
C MET B 85 -25.33 -6.06 2.30
N GLY B 86 -24.21 -5.55 1.82
CA GLY B 86 -23.81 -5.86 0.46
C GLY B 86 -24.04 -4.80 -0.55
N MET B 87 -24.47 -3.60 -0.14
CA MET B 87 -24.87 -2.60 -1.14
C MET B 87 -23.65 -1.80 -1.57
N VAL B 88 -23.02 -2.33 -2.66
CA VAL B 88 -21.78 -1.86 -3.20
C VAL B 88 -21.84 -1.94 -4.70
N VAL B 89 -21.16 -1.01 -5.39
CA VAL B 89 -21.19 -0.92 -6.85
C VAL B 89 -19.79 -0.55 -7.34
N LEU B 90 -19.46 -1.06 -8.51
CA LEU B 90 -18.18 -0.87 -9.13
C LEU B 90 -18.37 -0.22 -10.51
N VAL B 91 -17.78 0.96 -10.67
CA VAL B 91 -17.80 1.65 -11.96
C VAL B 91 -16.41 1.59 -12.55
N GLN B 92 -16.30 1.09 -13.78
CA GLN B 92 -15.05 1.07 -14.52
C GLN B 92 -15.04 2.15 -15.58
N VAL B 93 -14.09 3.05 -15.50
CA VAL B 93 -13.94 4.12 -16.50
C VAL B 93 -12.76 3.73 -17.38
N GLY B 94 -12.98 3.35 -18.62
CA GLY B 94 -11.88 2.96 -19.46
C GLY B 94 -11.02 1.88 -18.89
N LYS B 95 -9.70 2.00 -18.96
CA LYS B 95 -8.80 0.96 -18.52
C LYS B 95 -8.79 0.85 -17.00
N PRO B 96 -8.78 -0.38 -16.48
CA PRO B 96 -8.82 -0.58 -15.00
C PRO B 96 -7.47 -0.47 -14.35
N VAL B 97 -6.89 0.72 -14.45
CA VAL B 97 -5.50 0.89 -14.13
C VAL B 97 -5.16 0.56 -12.68
N ASN B 98 -6.15 0.76 -11.79
CA ASN B 98 -5.97 0.53 -10.36
C ASN B 98 -6.59 -0.76 -9.89
N LEU B 99 -6.69 -1.76 -10.75
CA LEU B 99 -7.25 -3.04 -10.37
C LEU B 99 -6.56 -3.61 -9.14
N ASP B 100 -5.22 -3.49 -9.04
CA ASP B 100 -4.58 -4.00 -7.80
C ASP B 100 -5.08 -3.35 -6.51
N GLN B 101 -5.38 -2.06 -6.53
CA GLN B 101 -5.89 -1.24 -5.41
C GLN B 101 -7.22 -1.83 -4.99
N ILE B 102 -8.06 -2.19 -5.97
CA ILE B 102 -9.40 -2.66 -5.67
C ILE B 102 -9.39 -4.11 -5.22
N LYS B 103 -8.66 -4.99 -5.88
CA LYS B 103 -8.77 -6.41 -5.62
C LYS B 103 -8.14 -6.76 -4.29
N GLU B 104 -7.23 -5.97 -3.73
CA GLU B 104 -6.62 -6.26 -2.45
C GLU B 104 -7.42 -5.76 -1.25
N TYR B 105 -8.39 -4.92 -1.51
CA TYR B 105 -9.28 -4.40 -0.45
C TYR B 105 -10.25 -5.46 -0.02
N LYS B 106 -10.66 -5.46 1.22
CA LYS B 106 -11.76 -6.31 1.70
C LYS B 106 -12.97 -5.46 2.12
N ALA B 107 -14.05 -5.52 1.34
CA ALA B 107 -15.23 -4.72 1.65
C ALA B 107 -15.92 -5.28 2.90
N THR B 108 -16.76 -4.43 3.54
CA THR B 108 -17.39 -4.78 4.78
C THR B 108 -18.50 -5.78 4.65
N GLY B 109 -18.53 -6.76 5.56
CA GLY B 109 -19.64 -7.70 5.60
C GLY B 109 -19.93 -8.35 4.28
N LEU B 110 -21.22 -8.36 3.92
CA LEU B 110 -21.65 -9.04 2.70
C LEU B 110 -21.16 -8.29 1.46
N ALA B 111 -20.62 -7.11 1.60
CA ALA B 111 -20.06 -6.39 0.46
C ALA B 111 -18.81 -7.06 -0.05
N LYS B 112 -18.13 -7.85 0.78
CA LYS B 112 -16.93 -8.51 0.24
C LYS B 112 -17.29 -9.37 -0.96
N LYS B 113 -18.26 -10.26 -0.77
CA LYS B 113 -18.64 -11.16 -1.85
C LYS B 113 -19.26 -10.40 -3.03
N ARG B 114 -20.08 -9.39 -2.74
CA ARG B 114 -20.71 -8.65 -3.81
C ARG B 114 -19.69 -7.88 -4.63
N LEU B 115 -18.79 -7.20 -3.94
CA LEU B 115 -17.74 -6.48 -4.70
C LEU B 115 -16.87 -7.41 -5.48
N ASP B 116 -16.51 -8.52 -4.87
CA ASP B 116 -15.67 -9.48 -5.60
C ASP B 116 -16.36 -9.96 -6.86
N GLY B 117 -17.65 -10.18 -6.82
CA GLY B 117 -18.37 -10.57 -8.02
C GLY B 117 -18.37 -9.51 -9.09
N GLU B 118 -18.33 -8.24 -8.67
CA GLU B 118 -18.21 -7.13 -9.61
C GLU B 118 -16.80 -7.09 -10.21
N ILE B 119 -15.78 -7.25 -9.35
CA ILE B 119 -14.41 -7.23 -9.82
C ILE B 119 -14.17 -8.34 -10.85
N ALA B 120 -14.83 -9.48 -10.66
CA ALA B 120 -14.73 -10.59 -11.58
C ALA B 120 -15.07 -10.21 -13.03
N LYS B 121 -15.85 -9.13 -13.21
CA LYS B 121 -16.26 -8.78 -14.57
C LYS B 121 -15.26 -7.86 -15.27
N VAL B 122 -14.30 -7.32 -14.55
CA VAL B 122 -13.36 -6.36 -15.11
C VAL B 122 -12.45 -6.97 -16.19
N VAL B 123 -12.43 -6.39 -17.36
CA VAL B 123 -11.48 -6.71 -18.42
C VAL B 123 -10.55 -5.52 -18.64
N GLN B 124 -9.27 -5.79 -18.84
CA GLN B 124 -8.25 -4.75 -18.96
C GLN B 124 -8.34 -4.06 -20.31
N ALA C 1 24.79 -26.94 9.52
CA ALA C 1 25.38 -25.67 9.99
C ALA C 1 24.43 -24.50 9.77
N GLU C 2 24.54 -23.49 10.60
CA GLU C 2 23.76 -22.27 10.53
C GLU C 2 24.59 -21.21 9.84
N HIS C 3 24.02 -20.55 8.86
CA HIS C 3 24.62 -19.41 8.18
C HIS C 3 23.79 -18.18 8.51
N ILE C 4 24.40 -17.06 8.74
CA ILE C 4 23.72 -15.79 9.05
C ILE C 4 23.80 -14.86 7.88
N VAL C 5 22.65 -14.24 7.57
CA VAL C 5 22.60 -13.15 6.59
C VAL C 5 22.04 -11.93 7.28
N GLU C 6 22.80 -10.84 7.23
CA GLU C 6 22.40 -9.61 7.86
C GLU C 6 21.54 -8.77 6.93
N MET C 7 20.50 -8.19 7.49
CA MET C 7 19.69 -7.17 6.84
C MET C 7 20.24 -5.79 7.19
N ARG C 8 20.83 -5.10 6.24
CA ARG C 8 21.60 -3.89 6.50
C ARG C 8 21.15 -2.70 5.67
N ASN C 9 21.22 -1.54 6.30
CA ASN C 9 21.01 -0.28 5.55
C ASN C 9 22.07 0.02 4.52
N LYS C 10 23.31 -0.36 4.80
CA LYS C 10 24.36 -0.05 3.84
C LYS C 10 25.55 -0.98 4.10
N ASP C 11 26.42 -1.12 3.10
CA ASP C 11 27.65 -1.86 3.42
C ASP C 11 28.85 -0.93 3.30
N ASP C 12 30.05 -1.47 3.49
CA ASP C 12 31.21 -0.59 3.64
C ASP C 12 31.61 -0.06 2.28
N ALA C 13 31.00 -0.59 1.23
CA ALA C 13 31.27 -0.16 -0.12
C ALA C 13 30.24 0.87 -0.57
N GLY C 14 29.36 1.32 0.32
CA GLY C 14 28.44 2.38 -0.07
C GLY C 14 27.12 1.91 -0.65
N ASN C 15 26.96 0.61 -0.94
CA ASN C 15 25.64 0.17 -1.43
C ASN C 15 24.65 0.16 -0.29
N THR C 16 23.44 0.56 -0.68
CA THR C 16 22.37 0.64 0.35
C THR C 16 21.32 -0.44 0.13
N MET C 17 20.69 -0.81 1.25
CA MET C 17 19.63 -1.82 1.31
C MET C 17 20.16 -3.17 0.82
N VAL C 18 20.95 -3.76 1.71
CA VAL C 18 21.71 -4.94 1.33
C VAL C 18 21.49 -6.08 2.31
N PHE C 19 21.47 -7.29 1.76
CA PHE C 19 21.70 -8.50 2.53
C PHE C 19 23.18 -8.78 2.50
N GLN C 20 23.76 -9.09 3.65
CA GLN C 20 25.20 -9.35 3.68
C GLN C 20 25.43 -10.68 4.37
N PRO C 21 25.95 -11.68 3.67
CA PRO C 21 26.33 -11.65 2.27
C PRO C 21 25.08 -11.71 1.39
N GLY C 22 25.25 -11.33 0.13
CA GLY C 22 24.23 -11.37 -0.90
C GLY C 22 24.08 -12.71 -1.59
N PHE C 23 25.09 -13.54 -1.44
CA PHE C 23 25.12 -14.87 -1.99
C PHE C 23 25.64 -15.79 -0.91
N VAL C 24 24.99 -16.92 -0.68
CA VAL C 24 25.52 -17.87 0.26
C VAL C 24 25.28 -19.27 -0.23
N LYS C 25 26.32 -20.06 -0.18
CA LYS C 25 26.35 -21.46 -0.56
C LYS C 25 26.25 -22.31 0.69
N VAL C 26 25.26 -23.17 0.70
CA VAL C 26 25.01 -24.06 1.83
C VAL C 26 24.76 -25.47 1.31
N GLU C 27 24.58 -26.39 2.27
CA GLU C 27 24.23 -27.76 1.91
C GLU C 27 22.89 -28.17 2.52
N ALA C 28 22.22 -29.20 1.99
CA ALA C 28 20.99 -29.73 2.56
C ALA C 28 21.22 -30.00 4.04
N GLY C 29 20.28 -29.59 4.85
CA GLY C 29 20.35 -29.74 6.30
C GLY C 29 20.86 -28.49 7.00
N ASP C 30 21.43 -27.56 6.24
CA ASP C 30 21.82 -26.31 6.87
C ASP C 30 20.65 -25.38 7.07
N THR C 31 20.86 -24.32 7.83
CA THR C 31 19.88 -23.26 7.94
C THR C 31 20.56 -21.94 7.56
N VAL C 32 19.74 -21.01 7.07
CA VAL C 32 20.14 -19.64 6.85
C VAL C 32 19.18 -18.78 7.66
N LYS C 33 19.73 -18.06 8.60
CA LYS C 33 19.00 -17.15 9.46
C LYS C 33 19.22 -15.73 9.01
N PHE C 34 18.16 -15.06 8.63
CA PHE C 34 18.18 -13.66 8.24
C PHE C 34 17.87 -12.84 9.48
N VAL C 35 18.79 -11.92 9.80
CA VAL C 35 18.72 -11.22 11.08
C VAL C 35 18.61 -9.72 10.87
N PRO C 36 17.81 -9.06 11.73
CA PRO C 36 17.56 -7.60 11.61
C PRO C 36 18.67 -6.77 12.18
N THR C 37 19.82 -6.86 11.55
CA THR C 37 21.00 -6.11 11.98
C THR C 37 20.72 -4.63 12.10
N ASP C 38 20.09 -4.10 11.07
CA ASP C 38 19.42 -2.82 11.11
C ASP C 38 17.91 -3.10 11.09
N LYS C 39 17.17 -2.20 11.74
CA LYS C 39 15.72 -2.33 11.76
C LYS C 39 15.10 -1.94 10.42
N SER C 40 13.86 -2.36 10.27
CA SER C 40 12.91 -2.01 9.22
C SER C 40 13.18 -2.71 7.87
N HIS C 41 13.67 -3.93 7.97
CA HIS C 41 13.81 -4.83 6.82
C HIS C 41 13.01 -6.08 7.06
N ASN C 42 12.85 -6.91 6.01
CA ASN C 42 12.45 -8.31 6.19
C ASN C 42 13.13 -9.19 5.18
N ALA C 43 12.86 -10.49 5.25
CA ALA C 43 13.30 -11.43 4.21
C ALA C 43 12.13 -12.32 3.89
N GLU C 44 11.88 -12.45 2.60
CA GLU C 44 10.80 -13.32 2.14
C GLU C 44 11.09 -13.84 0.74
N SER C 45 10.58 -14.98 0.39
CA SER C 45 10.78 -15.52 -0.94
C SER C 45 10.33 -14.59 -2.05
N VAL C 46 11.09 -14.59 -3.13
CA VAL C 46 10.59 -14.07 -4.39
C VAL C 46 9.79 -15.20 -5.04
N ARG C 47 8.47 -15.18 -4.89
CA ARG C 47 7.65 -16.36 -5.18
C ARG C 47 7.66 -16.70 -6.65
N GLU C 48 7.86 -15.74 -7.52
CA GLU C 48 7.86 -16.00 -8.93
C GLU C 48 8.99 -16.90 -9.37
N VAL C 49 10.06 -17.04 -8.60
CA VAL C 49 11.16 -17.92 -8.95
C VAL C 49 11.50 -18.95 -7.89
N TRP C 50 10.75 -18.94 -6.81
CA TRP C 50 10.95 -19.89 -5.72
C TRP C 50 10.49 -21.27 -6.14
N PRO C 51 11.25 -22.29 -5.84
CA PRO C 51 10.74 -23.63 -6.28
C PRO C 51 9.35 -23.92 -5.69
N GLU C 52 8.30 -24.07 -6.55
CA GLU C 52 6.94 -24.11 -5.97
C GLU C 52 6.84 -25.26 -5.01
N GLY C 53 7.52 -26.38 -5.14
CA GLY C 53 7.25 -27.43 -4.18
C GLY C 53 8.02 -27.28 -2.88
N VAL C 54 8.61 -26.16 -2.57
CA VAL C 54 9.26 -25.86 -1.31
C VAL C 54 8.52 -24.73 -0.62
N ALA C 55 8.26 -24.86 0.69
CA ALA C 55 7.51 -23.83 1.40
C ALA C 55 8.17 -22.47 1.25
N PRO C 56 7.41 -21.44 0.98
CA PRO C 56 7.99 -20.11 0.97
C PRO C 56 8.38 -19.67 2.39
N VAL C 57 9.28 -18.72 2.43
CA VAL C 57 9.75 -18.03 3.61
C VAL C 57 9.07 -16.67 3.67
N LYS C 58 8.51 -16.27 4.79
CA LYS C 58 8.01 -14.91 4.88
C LYS C 58 8.25 -14.39 6.31
N GLY C 59 9.33 -13.64 6.42
CA GLY C 59 9.65 -13.09 7.71
C GLY C 59 8.84 -11.88 8.05
N GLY C 60 8.66 -11.74 9.37
CA GLY C 60 7.99 -10.57 9.88
C GLY C 60 8.89 -9.32 9.73
N PHE C 61 8.20 -8.18 9.74
CA PHE C 61 8.89 -6.91 9.55
C PHE C 61 9.81 -6.68 10.75
N SER C 62 11.07 -6.48 10.47
CA SER C 62 12.09 -6.23 11.46
C SER C 62 12.36 -7.42 12.37
N LYS C 63 12.05 -8.63 11.88
CA LYS C 63 12.22 -9.81 12.69
C LYS C 63 13.18 -10.77 11.98
N GLU C 64 13.85 -11.58 12.77
CA GLU C 64 14.59 -12.70 12.26
C GLU C 64 13.64 -13.69 11.60
N VAL C 65 14.18 -14.41 10.61
CA VAL C 65 13.45 -15.51 9.96
C VAL C 65 14.49 -16.51 9.45
N VAL C 66 14.13 -17.79 9.49
CA VAL C 66 14.98 -18.88 9.10
C VAL C 66 14.51 -19.55 7.79
N PHE C 67 15.45 -19.89 6.95
CA PHE C 67 15.26 -20.78 5.82
C PHE C 67 15.88 -22.12 6.12
N ASN C 68 15.08 -23.18 6.06
CA ASN C 68 15.62 -24.50 6.27
C ASN C 68 16.04 -25.08 4.92
N ALA C 69 17.31 -25.10 4.64
CA ALA C 69 17.86 -25.53 3.36
C ALA C 69 17.74 -27.05 3.26
N GLU C 70 16.89 -27.53 2.41
CA GLU C 70 16.65 -28.97 2.36
C GLU C 70 16.79 -29.42 0.90
N LYS C 71 16.00 -29.01 0.00
CA LYS C 71 16.04 -29.42 -1.40
C LYS C 71 17.07 -28.61 -2.13
N GLU C 72 17.87 -29.28 -2.93
CA GLU C 72 18.94 -28.60 -3.64
C GLU C 72 18.34 -27.64 -4.64
N GLY C 73 19.04 -26.55 -4.87
CA GLY C 73 18.64 -25.55 -5.82
C GLY C 73 18.98 -24.15 -5.34
N LEU C 74 18.47 -23.19 -6.12
CA LEU C 74 18.70 -21.76 -5.90
C LEU C 74 17.44 -21.08 -5.40
N TYR C 75 17.59 -20.32 -4.34
CA TYR C 75 16.50 -19.71 -3.61
C TYR C 75 16.72 -18.21 -3.53
N VAL C 76 15.83 -17.44 -4.12
CA VAL C 76 15.90 -15.99 -4.12
C VAL C 76 14.95 -15.41 -3.07
N LEU C 77 15.51 -14.56 -2.20
CA LEU C 77 14.71 -13.84 -1.24
C LEU C 77 14.90 -12.35 -1.44
N LYS C 78 13.88 -11.60 -1.03
CA LYS C 78 13.90 -10.16 -1.07
C LYS C 78 13.55 -9.59 0.30
N CYS C 79 13.89 -8.33 0.48
CA CYS C 79 13.26 -7.47 1.48
C CYS C 79 12.11 -6.80 0.80
N ALA C 80 10.90 -7.06 1.27
CA ALA C 80 9.74 -6.51 0.60
C ALA C 80 9.77 -5.00 0.41
N PRO C 81 9.99 -4.17 1.42
CA PRO C 81 9.97 -2.73 1.14
C PRO C 81 11.15 -2.24 0.34
N HIS C 82 12.28 -2.95 0.28
CA HIS C 82 13.47 -2.44 -0.39
C HIS C 82 13.87 -3.26 -1.59
N TYR C 83 13.04 -4.15 -2.08
CA TYR C 83 13.43 -4.97 -3.25
C TYR C 83 13.86 -4.14 -4.43
N GLY C 84 13.08 -3.15 -4.83
CA GLY C 84 13.40 -2.33 -5.98
C GLY C 84 14.57 -1.38 -5.71
N MET C 85 14.98 -1.25 -4.45
CA MET C 85 16.21 -0.55 -4.10
C MET C 85 17.39 -1.52 -4.11
N GLY C 86 17.17 -2.76 -4.53
CA GLY C 86 18.30 -3.69 -4.66
C GLY C 86 18.38 -4.75 -3.59
N MET C 87 17.48 -4.80 -2.62
CA MET C 87 17.67 -5.71 -1.49
C MET C 87 17.17 -7.12 -1.78
N VAL C 88 18.09 -7.92 -2.26
CA VAL C 88 17.86 -9.26 -2.78
C VAL C 88 19.02 -10.16 -2.40
N VAL C 89 18.76 -11.43 -2.15
CA VAL C 89 19.78 -12.39 -1.72
C VAL C 89 19.50 -13.71 -2.41
N LEU C 90 20.59 -14.44 -2.69
CA LEU C 90 20.56 -15.72 -3.35
C LEU C 90 21.21 -16.78 -2.48
N VAL C 91 20.44 -17.83 -2.14
CA VAL C 91 20.97 -18.96 -1.39
C VAL C 91 21.06 -20.16 -2.34
N GLN C 92 22.25 -20.75 -2.43
CA GLN C 92 22.43 -21.94 -3.22
C GLN C 92 22.57 -23.13 -2.27
N VAL C 93 21.69 -24.10 -2.43
CA VAL C 93 21.70 -25.32 -1.65
C VAL C 93 22.21 -26.43 -2.55
N GLY C 94 23.44 -26.87 -2.31
CA GLY C 94 23.94 -27.95 -3.16
C GLY C 94 23.99 -27.55 -4.59
N LYS C 95 23.62 -28.46 -5.47
CA LYS C 95 23.70 -28.22 -6.92
C LYS C 95 22.64 -27.25 -7.41
N PRO C 96 22.99 -26.37 -8.32
CA PRO C 96 22.07 -25.32 -8.76
C PRO C 96 21.14 -25.76 -9.87
N VAL C 97 20.32 -26.73 -9.51
CA VAL C 97 19.56 -27.43 -10.55
C VAL C 97 18.58 -26.52 -11.27
N ASN C 98 18.08 -25.44 -10.69
CA ASN C 98 17.11 -24.53 -11.31
C ASN C 98 17.74 -23.22 -11.75
N LEU C 99 19.01 -23.23 -12.12
CA LEU C 99 19.67 -22.03 -12.60
C LEU C 99 18.93 -21.35 -13.76
N ASP C 100 18.44 -22.14 -14.73
CA ASP C 100 17.68 -21.52 -15.83
C ASP C 100 16.45 -20.80 -15.28
N GLN C 101 15.70 -21.30 -14.30
CA GLN C 101 14.54 -20.63 -13.71
C GLN C 101 14.99 -19.21 -13.33
N ILE C 102 16.09 -19.17 -12.57
CA ILE C 102 16.33 -17.88 -11.92
C ILE C 102 17.01 -16.90 -12.87
N LYS C 103 17.81 -17.39 -13.82
CA LYS C 103 18.54 -16.43 -14.63
C LYS C 103 17.68 -15.78 -15.69
N GLU C 104 16.53 -16.34 -16.04
CA GLU C 104 15.64 -15.78 -17.02
C GLU C 104 14.65 -14.76 -16.47
N TYR C 105 14.53 -14.70 -15.17
CA TYR C 105 13.74 -13.72 -14.41
C TYR C 105 14.40 -12.35 -14.37
N LYS C 106 13.63 -11.26 -14.37
CA LYS C 106 14.16 -9.93 -14.19
C LYS C 106 13.68 -9.36 -12.87
N ALA C 107 14.57 -9.22 -11.91
CA ALA C 107 14.17 -8.71 -10.59
C ALA C 107 13.82 -7.23 -10.69
N THR C 108 13.05 -6.69 -9.79
CA THR C 108 12.56 -5.33 -9.82
C THR C 108 13.61 -4.28 -9.59
N GLY C 109 13.63 -3.20 -10.36
CA GLY C 109 14.46 -2.05 -10.13
C GLY C 109 15.92 -2.40 -9.96
N LEU C 110 16.56 -1.90 -8.89
CA LEU C 110 18.00 -2.14 -8.67
C LEU C 110 18.30 -3.59 -8.31
N ALA C 111 17.24 -4.35 -7.98
CA ALA C 111 17.49 -5.78 -7.71
C ALA C 111 17.90 -6.53 -8.95
N LYS C 112 17.59 -6.05 -10.15
CA LYS C 112 18.02 -6.77 -11.36
C LYS C 112 19.55 -6.93 -11.35
N LYS C 113 20.26 -5.81 -11.24
CA LYS C 113 21.72 -5.89 -11.24
C LYS C 113 22.23 -6.59 -10.00
N ARG C 114 21.61 -6.39 -8.83
CA ARG C 114 22.13 -7.04 -7.65
C ARG C 114 21.97 -8.55 -7.71
N LEU C 115 20.79 -8.99 -8.13
CA LEU C 115 20.59 -10.43 -8.27
C LEU C 115 21.51 -11.02 -9.33
N ASP C 116 21.65 -10.30 -10.44
CA ASP C 116 22.56 -10.82 -11.48
C ASP C 116 23.96 -11.00 -10.96
N GLY C 117 24.45 -10.09 -10.13
CA GLY C 117 25.78 -10.23 -9.55
C GLY C 117 25.88 -11.44 -8.63
N GLU C 118 24.78 -11.79 -7.98
CA GLU C 118 24.74 -12.98 -7.11
C GLU C 118 24.71 -14.22 -8.00
N ILE C 119 23.91 -14.25 -9.06
CA ILE C 119 23.86 -15.39 -9.94
C ILE C 119 25.19 -15.67 -10.56
N ALA C 120 25.97 -14.62 -10.83
CA ALA C 120 27.31 -14.72 -11.40
C ALA C 120 28.24 -15.56 -10.55
N LYS C 121 27.94 -15.75 -9.28
CA LYS C 121 28.81 -16.51 -8.41
C LYS C 121 28.47 -17.98 -8.37
N VAL C 122 27.37 -18.39 -9.02
CA VAL C 122 26.95 -19.77 -8.91
C VAL C 122 27.83 -20.73 -9.70
N VAL C 123 28.31 -21.76 -9.05
CA VAL C 123 29.08 -22.79 -9.71
C VAL C 123 28.25 -24.09 -9.60
N GLN C 124 28.32 -24.89 -10.70
CA GLN C 124 27.63 -26.18 -10.80
C GLN C 124 28.35 -27.24 -9.97
#